data_5I1F
#
_entry.id   5I1F
#
_cell.length_a   84.900
_cell.length_b   84.900
_cell.length_c   252.700
_cell.angle_alpha   90.000
_cell.angle_beta   90.000
_cell.angle_gamma   120.000
#
_symmetry.space_group_name_H-M   'P 62 2 2'
#
loop_
_entity.id
_entity.type
_entity.pdbx_description
1 polymer 'UTP--glucose-1-phosphate uridylyltransferase'
2 non-polymer "URIDINE-5'-DIPHOSPHATE-GLUCOSE"
3 non-polymer 'MAGNESIUM ION'
4 non-polymer 'CHLORIDE ION'
5 water water
#
_entity_poly.entity_id   1
_entity_poly.type   'polypeptide(L)'
_entity_poly.pdbx_seq_one_letter_code
;MAHHHHHHMLKVTKAVFPVAGLGTRFLPATKASPKEMLPVVDKPLIQYAVEEAIEAGITEMIFVTGRSKRAIEDHFDKSY
EIEAELEARGKEKLLSLVRSIKPSHVDCFYVRQAEALGLGHAVLCAEKLVGDNPFAVILADDLLDGPTPVLRQMIDVFDH
YHASVIGVEEIAPADSKSYGVIDGKRWEDDLFKLSGIVEKPEPAQAPSNFGVVGRYVLKPKIFKHLRGLKPGAGGELQLT
DAIQSLLTDEQVLAYRYDGTRFDCGSKLGYLKATVEFALRHPEVAADFERYLLARMSEQLVV
;
_entity_poly.pdbx_strand_id   A
#
# COMPACT_ATOMS: atom_id res chain seq x y z
N HIS A 8 18.48 12.27 -19.24
CA HIS A 8 17.46 11.23 -19.11
C HIS A 8 17.25 10.85 -17.63
N MET A 9 16.27 11.49 -16.99
CA MET A 9 16.02 11.28 -15.58
C MET A 9 15.58 9.84 -15.31
N LEU A 10 15.92 9.36 -14.11
CA LEU A 10 15.54 8.00 -13.71
C LEU A 10 14.03 7.85 -13.69
N LYS A 11 13.55 6.70 -14.15
CA LYS A 11 12.14 6.36 -14.07
C LYS A 11 11.87 5.52 -12.83
N VAL A 12 10.60 5.37 -12.48
CA VAL A 12 10.22 4.57 -11.31
C VAL A 12 9.78 3.19 -11.80
N THR A 13 10.57 2.16 -11.51
CA THR A 13 10.20 0.80 -11.89
C THR A 13 10.14 -0.19 -10.73
N LYS A 14 10.43 0.25 -9.51
CA LYS A 14 10.44 -0.63 -8.34
C LYS A 14 9.41 -0.15 -7.34
N ALA A 15 8.73 -1.11 -6.71
CA ALA A 15 7.80 -0.80 -5.64
C ALA A 15 8.10 -1.69 -4.44
N VAL A 16 8.09 -1.08 -3.26
CA VAL A 16 8.32 -1.78 -1.99
C VAL A 16 6.97 -1.94 -1.28
N PHE A 17 6.63 -3.18 -0.93
CA PHE A 17 5.39 -3.47 -0.21
C PHE A 17 5.73 -3.96 1.20
N PRO A 18 5.65 -3.12 2.22
CA PRO A 18 5.80 -3.62 3.60
C PRO A 18 4.61 -4.50 3.96
N VAL A 19 4.89 -5.77 4.28
CA VAL A 19 3.83 -6.69 4.72
C VAL A 19 4.30 -7.43 5.97
N ALA A 20 5.02 -6.72 6.84
CA ALA A 20 5.73 -7.32 7.97
C ALA A 20 5.23 -6.84 9.33
N GLY A 21 4.04 -6.22 9.40
CA GLY A 21 3.50 -5.83 10.67
C GLY A 21 2.89 -7.00 11.42
N LEU A 22 2.54 -6.75 12.68
CA LEU A 22 1.96 -7.79 13.53
C LEU A 22 0.51 -8.09 13.17
N GLY A 23 -0.24 -7.12 12.65
CA GLY A 23 -1.61 -7.37 12.24
C GLY A 23 -2.56 -7.69 13.37
N THR A 24 -2.36 -7.11 14.55
CA THR A 24 -3.09 -7.54 15.74
C THR A 24 -4.58 -7.24 15.64
N ARG A 25 -4.98 -6.21 14.87
CA ARG A 25 -6.40 -5.91 14.77
C ARG A 25 -7.20 -7.04 14.15
N PHE A 26 -6.54 -7.95 13.43
CA PHE A 26 -7.24 -9.03 12.74
C PHE A 26 -6.91 -10.42 13.29
N LEU A 27 -6.32 -10.49 14.48
CA LEU A 27 -6.16 -11.79 15.11
C LEU A 27 -7.53 -12.31 15.52
N PRO A 28 -7.75 -13.63 15.45
CA PRO A 28 -6.81 -14.71 15.16
C PRO A 28 -6.49 -14.94 13.69
N ALA A 29 -7.21 -14.31 12.76
CA ALA A 29 -7.02 -14.63 11.34
C ALA A 29 -5.60 -14.31 10.88
N THR A 30 -4.95 -13.31 11.46
CA THR A 30 -3.58 -12.99 11.07
C THR A 30 -2.52 -13.78 11.84
N LYS A 31 -2.90 -14.85 12.54
CA LYS A 31 -1.91 -15.67 13.22
C LYS A 31 -0.84 -16.19 12.25
N ALA A 32 -1.25 -16.75 11.12
CA ALA A 32 -0.30 -17.36 10.18
C ALA A 32 -0.35 -16.72 8.80
N SER A 33 -0.83 -15.48 8.72
CA SER A 33 -0.92 -14.79 7.44
CA SER A 33 -0.83 -14.78 7.44
C SER A 33 -0.97 -13.30 7.73
N PRO A 34 -0.25 -12.44 7.01
CA PRO A 34 -0.28 -11.02 7.34
C PRO A 34 -1.61 -10.39 6.98
N LYS A 35 -1.87 -9.23 7.58
CA LYS A 35 -3.13 -8.56 7.31
C LYS A 35 -3.24 -8.18 5.86
N GLU A 36 -2.11 -8.00 5.17
CA GLU A 36 -2.15 -7.65 3.76
C GLU A 36 -2.56 -8.80 2.87
N MET A 37 -2.64 -10.02 3.41
CA MET A 37 -3.21 -11.14 2.68
C MET A 37 -4.72 -11.31 2.89
N LEU A 38 -5.35 -10.51 3.75
CA LEU A 38 -6.79 -10.63 3.96
C LEU A 38 -7.52 -10.47 2.63
N PRO A 39 -8.49 -11.32 2.31
CA PRO A 39 -9.19 -11.22 1.03
C PRO A 39 -10.35 -10.23 1.06
N VAL A 40 -10.51 -9.49 -0.03
CA VAL A 40 -11.72 -8.72 -0.26
C VAL A 40 -12.59 -9.62 -1.14
N VAL A 41 -13.43 -10.41 -0.46
CA VAL A 41 -14.27 -11.46 -1.03
C VAL A 41 -13.44 -12.60 -1.63
N ASP A 42 -12.65 -12.32 -2.69
CA ASP A 42 -11.89 -13.40 -3.30
C ASP A 42 -10.48 -12.97 -3.74
N LYS A 43 -10.00 -11.81 -3.33
CA LYS A 43 -8.69 -11.34 -3.77
C LYS A 43 -7.98 -10.65 -2.61
N PRO A 44 -6.74 -11.05 -2.30
CA PRO A 44 -6.00 -10.41 -1.19
C PRO A 44 -5.73 -8.93 -1.45
N LEU A 45 -5.72 -8.17 -0.36
CA LEU A 45 -5.37 -6.75 -0.43
C LEU A 45 -4.06 -6.53 -1.18
N ILE A 46 -3.05 -7.36 -0.90
CA ILE A 46 -1.73 -7.16 -1.50
C ILE A 46 -1.78 -7.37 -3.01
N GLN A 47 -2.70 -8.21 -3.51
CA GLN A 47 -2.80 -8.38 -4.95
C GLN A 47 -3.41 -7.13 -5.62
N TYR A 48 -4.41 -6.51 -4.99
CA TYR A 48 -4.89 -5.22 -5.51
C TYR A 48 -3.74 -4.21 -5.56
N ALA A 49 -2.89 -4.20 -4.55
CA ALA A 49 -1.81 -3.22 -4.51
C ALA A 49 -0.79 -3.49 -5.61
N VAL A 50 -0.42 -4.75 -5.81
CA VAL A 50 0.52 -5.11 -6.87
C VAL A 50 -0.08 -4.80 -8.24
N GLU A 51 -1.39 -5.03 -8.41
CA GLU A 51 -2.05 -4.71 -9.67
C GLU A 51 -2.05 -3.21 -9.92
N GLU A 52 -2.14 -2.40 -8.87
CA GLU A 52 -2.03 -0.97 -9.06
C GLU A 52 -0.64 -0.58 -9.49
N ALA A 53 0.38 -1.18 -8.86
CA ALA A 53 1.76 -0.95 -9.29
C ALA A 53 1.97 -1.35 -10.75
N ILE A 54 1.44 -2.52 -11.16
CA ILE A 54 1.65 -2.99 -12.53
C ILE A 54 1.05 -2.00 -13.53
N GLU A 55 -0.16 -1.50 -13.24
CA GLU A 55 -0.79 -0.55 -14.13
C GLU A 55 -0.06 0.79 -14.15
N ALA A 56 0.71 1.09 -13.12
CA ALA A 56 1.50 2.32 -13.09
C ALA A 56 2.85 2.13 -13.73
N GLY A 57 3.12 0.97 -14.36
CA GLY A 57 4.39 0.74 -15.02
C GLY A 57 5.48 0.11 -14.16
N ILE A 58 5.17 -0.26 -12.91
CA ILE A 58 6.12 -0.97 -12.06
C ILE A 58 6.25 -2.43 -12.53
N THR A 59 7.48 -2.90 -12.67
CA THR A 59 7.73 -4.28 -13.05
C THR A 59 8.46 -5.08 -11.99
N GLU A 60 8.90 -4.44 -10.92
CA GLU A 60 9.69 -5.09 -9.89
C GLU A 60 9.00 -4.88 -8.55
N MET A 61 8.51 -5.97 -7.96
CA MET A 61 7.80 -5.93 -6.68
C MET A 61 8.74 -6.43 -5.58
N ILE A 62 8.98 -5.59 -4.57
CA ILE A 62 9.85 -5.96 -3.45
C ILE A 62 8.95 -6.11 -2.21
N PHE A 63 8.86 -7.33 -1.66
CA PHE A 63 8.04 -7.57 -0.48
C PHE A 63 8.92 -7.62 0.75
N VAL A 64 8.63 -6.79 1.75
CA VAL A 64 9.33 -6.85 3.03
C VAL A 64 8.45 -7.66 3.97
N THR A 65 8.89 -8.89 4.28
CA THR A 65 8.06 -9.84 5.02
C THR A 65 8.50 -9.90 6.46
N GLY A 66 7.57 -10.31 7.31
CA GLY A 66 7.89 -10.50 8.71
C GLY A 66 7.51 -11.91 9.05
N ARG A 67 6.66 -12.04 10.07
CA ARG A 67 6.03 -13.32 10.36
C ARG A 67 5.18 -13.76 9.17
N SER A 68 5.17 -15.07 8.92
CA SER A 68 4.28 -15.67 7.92
C SER A 68 4.67 -15.26 6.49
N LYS A 69 5.98 -15.23 6.21
CA LYS A 69 6.43 -14.84 4.87
C LYS A 69 5.88 -15.78 3.79
N ARG A 70 5.57 -17.03 4.13
CA ARG A 70 5.24 -17.92 3.04
CA ARG A 70 5.19 -18.02 3.13
C ARG A 70 3.82 -17.74 2.52
N ALA A 71 2.91 -17.12 3.30
CA ALA A 71 1.61 -16.77 2.74
C ALA A 71 1.76 -15.78 1.60
N ILE A 72 2.67 -14.82 1.75
CA ILE A 72 2.94 -13.87 0.69
C ILE A 72 3.67 -14.56 -0.46
N GLU A 73 4.72 -15.29 -0.13
CA GLU A 73 5.56 -15.89 -1.17
C GLU A 73 4.77 -16.89 -2.00
N ASP A 74 4.01 -17.75 -1.34
CA ASP A 74 3.27 -18.74 -2.11
C ASP A 74 2.10 -18.13 -2.86
N HIS A 75 1.64 -16.94 -2.47
CA HIS A 75 0.60 -16.32 -3.28
C HIS A 75 1.15 -15.84 -4.62
N PHE A 76 2.33 -15.21 -4.63
CA PHE A 76 2.82 -14.67 -5.89
C PHE A 76 3.69 -15.64 -6.66
N ASP A 77 4.41 -16.54 -5.99
CA ASP A 77 5.27 -17.47 -6.72
C ASP A 77 4.44 -18.52 -7.44
N LYS A 78 5.01 -19.04 -8.52
CA LYS A 78 4.32 -20.05 -9.31
C LYS A 78 4.04 -21.29 -8.47
N SER A 79 2.80 -21.77 -8.54
CA SER A 79 2.43 -23.03 -7.91
C SER A 79 2.28 -24.10 -8.98
N TYR A 80 3.24 -25.02 -9.03
CA TYR A 80 3.15 -26.17 -9.91
C TYR A 80 1.84 -26.95 -9.66
N GLU A 81 1.54 -27.25 -8.40
CA GLU A 81 0.40 -28.08 -8.09
C GLU A 81 -0.90 -27.49 -8.64
N ILE A 82 -1.16 -26.21 -8.37
CA ILE A 82 -2.47 -25.65 -8.71
C ILE A 82 -2.65 -25.57 -10.22
N GLU A 83 -1.57 -25.30 -10.95
CA GLU A 83 -1.70 -25.19 -12.41
C GLU A 83 -1.94 -26.57 -13.02
N ALA A 84 -1.26 -27.59 -12.53
CA ALA A 84 -1.51 -28.94 -13.01
C ALA A 84 -2.93 -29.39 -12.70
N GLU A 85 -3.43 -29.06 -11.51
CA GLU A 85 -4.78 -29.47 -11.13
C GLU A 85 -5.84 -28.78 -11.99
N LEU A 86 -5.69 -27.47 -12.23
CA LEU A 86 -6.64 -26.74 -13.06
C LEU A 86 -6.56 -27.19 -14.52
N GLU A 87 -5.36 -27.55 -14.98
CA GLU A 87 -5.21 -27.97 -16.37
C GLU A 87 -5.80 -29.36 -16.60
N ALA A 88 -5.53 -30.30 -15.68
CA ALA A 88 -6.11 -31.63 -15.77
C ALA A 88 -7.64 -31.59 -15.75
N ARG A 89 -8.23 -30.52 -15.25
CA ARG A 89 -9.68 -30.36 -15.19
CA ARG A 89 -9.68 -30.36 -15.19
C ARG A 89 -10.20 -29.39 -16.24
N GLY A 90 -9.35 -28.93 -17.15
CA GLY A 90 -9.76 -28.05 -18.23
C GLY A 90 -10.36 -26.73 -17.79
N LYS A 91 -9.99 -26.24 -16.61
CA LYS A 91 -10.50 -24.95 -16.13
C LYS A 91 -9.55 -23.87 -16.65
N GLU A 92 -9.72 -23.55 -17.93
CA GLU A 92 -8.75 -22.68 -18.60
C GLU A 92 -8.91 -21.23 -18.16
N LYS A 93 -10.14 -20.77 -17.91
CA LYS A 93 -10.31 -19.41 -17.40
C LYS A 93 -9.71 -19.26 -16.00
N LEU A 94 -9.95 -20.23 -15.12
CA LEU A 94 -9.36 -20.16 -13.79
C LEU A 94 -7.83 -20.23 -13.86
N LEU A 95 -7.30 -21.05 -14.76
CA LEU A 95 -5.85 -21.14 -14.94
C LEU A 95 -5.27 -19.81 -15.39
N SER A 96 -5.95 -19.13 -16.32
CA SER A 96 -5.50 -17.80 -16.73
CA SER A 96 -5.49 -17.80 -16.73
C SER A 96 -5.56 -16.82 -15.57
N LEU A 97 -6.63 -16.90 -14.77
CA LEU A 97 -6.75 -16.04 -13.60
C LEU A 97 -5.58 -16.23 -12.65
N VAL A 98 -5.23 -17.49 -12.37
CA VAL A 98 -4.15 -17.79 -11.42
C VAL A 98 -2.81 -17.30 -11.95
N ARG A 99 -2.55 -17.49 -13.25
CA ARG A 99 -1.30 -17.07 -13.84
C ARG A 99 -1.16 -15.55 -13.85
N SER A 100 -2.28 -14.83 -13.96
CA SER A 100 -2.20 -13.37 -13.98
C SER A 100 -1.79 -12.79 -12.63
N ILE A 101 -1.77 -13.58 -11.55
CA ILE A 101 -1.31 -13.06 -10.26
C ILE A 101 0.10 -12.50 -10.40
N LYS A 102 0.93 -13.10 -11.26
CA LYS A 102 2.28 -12.61 -11.52
C LYS A 102 2.52 -12.71 -13.02
N PRO A 103 2.17 -11.65 -13.77
CA PRO A 103 2.39 -11.68 -15.22
C PRO A 103 3.87 -11.87 -15.57
N SER A 104 4.11 -12.16 -16.85
CA SER A 104 5.42 -12.67 -17.27
C SER A 104 6.55 -11.67 -16.99
N HIS A 105 6.33 -10.40 -17.24
CA HIS A 105 7.41 -9.41 -17.12
C HIS A 105 7.55 -8.85 -15.71
N VAL A 106 6.84 -9.41 -14.73
CA VAL A 106 6.83 -8.88 -13.38
C VAL A 106 7.70 -9.78 -12.51
N ASP A 107 8.65 -9.18 -11.80
CA ASP A 107 9.52 -9.91 -10.88
C ASP A 107 9.10 -9.66 -9.44
N CYS A 108 9.20 -10.69 -8.61
CA CYS A 108 8.91 -10.60 -7.19
C CYS A 108 10.17 -10.91 -6.40
N PHE A 109 10.58 -10.00 -5.54
CA PHE A 109 11.79 -10.19 -4.75
C PHE A 109 11.40 -10.09 -3.28
N TYR A 110 12.10 -10.82 -2.42
CA TYR A 110 11.75 -10.92 -1.01
C TYR A 110 12.91 -10.51 -0.12
N VAL A 111 12.61 -9.71 0.90
CA VAL A 111 13.58 -9.38 1.93
C VAL A 111 12.88 -9.43 3.27
N ARG A 112 13.66 -9.74 4.30
CA ARG A 112 13.13 -9.97 5.63
C ARG A 112 13.29 -8.72 6.49
N GLN A 113 12.24 -8.42 7.25
CA GLN A 113 12.35 -7.57 8.42
C GLN A 113 12.24 -8.52 9.62
N ALA A 114 13.38 -8.81 10.26
CA ALA A 114 13.37 -9.79 11.34
C ALA A 114 12.58 -9.29 12.54
N GLU A 115 12.72 -8.01 12.89
CA GLU A 115 12.03 -7.40 14.02
CA GLU A 115 12.03 -7.40 14.02
C GLU A 115 11.05 -6.36 13.51
N ALA A 116 9.83 -6.38 14.06
CA ALA A 116 8.80 -5.42 13.66
C ALA A 116 9.05 -4.09 14.38
N LEU A 117 9.93 -3.28 13.82
CA LEU A 117 10.33 -2.03 14.46
C LEU A 117 9.66 -0.80 13.82
N GLY A 118 8.72 -1.01 12.91
CA GLY A 118 7.98 0.09 12.34
C GLY A 118 8.14 0.18 10.83
N LEU A 119 7.29 1.04 10.25
CA LEU A 119 7.23 1.19 8.80
C LEU A 119 8.54 1.75 8.24
N GLY A 120 9.11 2.75 8.91
CA GLY A 120 10.38 3.31 8.44
C GLY A 120 11.47 2.26 8.41
N HIS A 121 11.54 1.43 9.45
CA HIS A 121 12.54 0.36 9.48
C HIS A 121 12.29 -0.68 8.40
N ALA A 122 11.02 -1.03 8.16
CA ALA A 122 10.70 -1.97 7.08
C ALA A 122 11.20 -1.47 5.73
N VAL A 123 10.96 -0.19 5.43
CA VAL A 123 11.41 0.37 4.16
C VAL A 123 12.93 0.32 4.07
N LEU A 124 13.62 0.64 5.17
CA LEU A 124 15.08 0.61 5.16
C LEU A 124 15.63 -0.78 4.85
N CYS A 125 14.91 -1.85 5.22
CA CYS A 125 15.40 -3.20 4.90
C CYS A 125 15.57 -3.40 3.40
N ALA A 126 14.82 -2.66 2.59
CA ALA A 126 14.86 -2.78 1.14
C ALA A 126 15.94 -1.94 0.50
N GLU A 127 16.72 -1.20 1.29
CA GLU A 127 17.67 -0.22 0.73
C GLU A 127 18.53 -0.79 -0.39
N LYS A 128 19.23 -1.91 -0.12
CA LYS A 128 20.17 -2.41 -1.10
C LYS A 128 19.50 -3.16 -2.24
N LEU A 129 18.20 -3.46 -2.17
CA LEU A 129 17.49 -3.92 -3.36
C LEU A 129 17.08 -2.78 -4.27
N VAL A 130 16.71 -1.63 -3.70
CA VAL A 130 16.35 -0.48 -4.51
C VAL A 130 17.59 0.17 -5.10
N GLY A 131 18.67 0.25 -4.31
CA GLY A 131 19.85 0.89 -4.81
C GLY A 131 19.62 2.38 -5.01
N ASP A 132 20.41 2.97 -5.91
CA ASP A 132 20.37 4.40 -6.16
C ASP A 132 19.30 4.70 -7.22
N ASN A 133 18.04 4.59 -6.80
CA ASN A 133 16.91 4.68 -7.71
C ASN A 133 15.72 5.26 -6.94
N PRO A 134 14.88 6.04 -7.59
CA PRO A 134 13.57 6.36 -7.00
C PRO A 134 12.72 5.11 -6.98
N PHE A 135 11.78 5.05 -6.04
CA PHE A 135 10.98 3.84 -5.88
C PHE A 135 9.65 4.20 -5.24
N ALA A 136 8.69 3.31 -5.43
CA ALA A 136 7.37 3.43 -4.80
C ALA A 136 7.33 2.65 -3.50
N VAL A 137 6.59 3.18 -2.52
CA VAL A 137 6.18 2.44 -1.32
C VAL A 137 4.66 2.37 -1.32
N ILE A 138 4.12 1.17 -1.15
CA ILE A 138 2.68 0.94 -1.26
C ILE A 138 2.26 0.15 -0.03
N LEU A 139 1.37 0.73 0.77
CA LEU A 139 0.81 0.03 1.94
C LEU A 139 -0.51 -0.58 1.49
N ALA A 140 -0.55 -1.91 1.39
CA ALA A 140 -1.71 -2.58 0.79
C ALA A 140 -2.98 -2.48 1.63
N ASP A 141 -2.87 -2.20 2.94
CA ASP A 141 -4.10 -2.01 3.73
C ASP A 141 -4.86 -0.74 3.35
N ASP A 142 -4.23 0.16 2.60
CA ASP A 142 -4.95 1.28 1.97
C ASP A 142 -5.40 0.80 0.59
N LEU A 143 -6.68 0.42 0.49
CA LEU A 143 -7.25 -0.14 -0.74
C LEU A 143 -7.81 1.02 -1.57
N LEU A 144 -7.18 1.32 -2.69
CA LEU A 144 -7.49 2.54 -3.45
C LEU A 144 -8.05 2.21 -4.82
N ASP A 145 -8.90 3.10 -5.31
CA ASP A 145 -9.34 3.05 -6.69
C ASP A 145 -9.38 4.48 -7.20
N GLY A 146 -9.58 4.64 -8.51
CA GLY A 146 -9.62 5.95 -9.10
C GLY A 146 -9.81 5.89 -10.60
N PRO A 147 -10.10 7.03 -11.22
CA PRO A 147 -10.24 7.04 -12.69
C PRO A 147 -8.97 6.55 -13.40
N THR A 148 -7.81 6.88 -12.86
CA THR A 148 -6.54 6.26 -13.20
C THR A 148 -5.91 5.82 -11.91
N PRO A 149 -5.00 4.83 -11.94
CA PRO A 149 -4.43 4.33 -10.68
C PRO A 149 -3.71 5.44 -9.93
N VAL A 150 -3.84 5.42 -8.61
CA VAL A 150 -3.31 6.51 -7.80
C VAL A 150 -1.79 6.60 -7.95
N LEU A 151 -1.11 5.45 -7.97
CA LEU A 151 0.34 5.48 -8.12
C LEU A 151 0.76 6.05 -9.46
N ARG A 152 -0.04 5.83 -10.50
CA ARG A 152 0.24 6.41 -11.81
C ARG A 152 0.15 7.93 -11.76
N GLN A 153 -0.91 8.45 -11.13
CA GLN A 153 -1.01 9.89 -10.92
C GLN A 153 0.22 10.43 -10.22
N MET A 154 0.73 9.69 -9.23
CA MET A 154 1.83 10.20 -8.42
C MET A 154 3.17 10.12 -9.14
N ILE A 155 3.39 9.05 -9.90
CA ILE A 155 4.61 8.98 -10.69
C ILE A 155 4.62 10.09 -11.74
N ASP A 156 3.45 10.47 -12.27
CA ASP A 156 3.41 11.59 -13.20
C ASP A 156 3.88 12.88 -12.53
N VAL A 157 3.53 13.08 -11.26
CA VAL A 157 3.99 14.27 -10.54
C VAL A 157 5.49 14.18 -10.28
N PHE A 158 5.98 12.98 -9.97
CA PHE A 158 7.41 12.79 -9.72
C PHE A 158 8.22 13.10 -10.97
N ASP A 159 7.77 12.60 -12.13
CA ASP A 159 8.51 12.85 -13.38
C ASP A 159 8.55 14.32 -13.73
N HIS A 160 7.50 15.08 -13.38
CA HIS A 160 7.42 16.48 -13.78
C HIS A 160 8.23 17.39 -12.84
N TYR A 161 8.17 17.14 -11.53
CA TYR A 161 8.82 18.02 -10.56
C TYR A 161 10.10 17.46 -9.99
N HIS A 162 10.40 16.17 -10.20
CA HIS A 162 11.65 15.55 -9.76
C HIS A 162 11.83 15.65 -8.25
N ALA A 163 10.72 15.52 -7.52
CA ALA A 163 10.71 15.52 -6.06
C ALA A 163 9.94 14.31 -5.53
N SER A 164 10.25 13.91 -4.31
CA SER A 164 9.44 12.88 -3.66
C SER A 164 8.00 13.36 -3.53
N VAL A 165 7.06 12.42 -3.66
CA VAL A 165 5.63 12.73 -3.66
C VAL A 165 4.93 11.83 -2.65
N ILE A 166 4.13 12.44 -1.77
CA ILE A 166 3.38 11.77 -0.70
C ILE A 166 1.90 11.87 -1.04
N GLY A 167 1.21 10.73 -1.04
CA GLY A 167 -0.24 10.74 -1.28
C GLY A 167 -1.01 11.15 -0.03
N VAL A 168 -2.00 12.04 -0.22
CA VAL A 168 -2.80 12.53 0.89
C VAL A 168 -4.27 12.60 0.49
N GLU A 169 -5.13 12.58 1.50
CA GLU A 169 -6.55 12.86 1.32
C GLU A 169 -7.01 13.72 2.48
N GLU A 170 -8.15 14.36 2.29
CA GLU A 170 -8.75 15.12 3.38
C GLU A 170 -9.32 14.15 4.42
N ILE A 171 -9.00 14.40 5.69
CA ILE A 171 -9.50 13.58 6.79
C ILE A 171 -10.32 14.46 7.74
N ALA A 172 -11.20 13.80 8.50
CA ALA A 172 -11.88 14.47 9.60
C ALA A 172 -10.91 14.74 10.75
N PRO A 173 -10.99 15.90 11.40
CA PRO A 173 -9.99 16.22 12.44
C PRO A 173 -9.93 15.21 13.57
N ALA A 174 -11.03 14.51 13.87
CA ALA A 174 -11.00 13.58 14.99
C ALA A 174 -10.16 12.35 14.71
N ASP A 175 -9.92 12.04 13.44
CA ASP A 175 -9.17 10.86 13.04
C ASP A 175 -7.66 11.11 12.93
N SER A 176 -7.19 12.31 13.28
CA SER A 176 -5.79 12.64 13.00
C SER A 176 -4.81 11.72 13.75
N LYS A 177 -5.23 11.07 14.83
CA LYS A 177 -4.30 10.19 15.52
C LYS A 177 -4.14 8.84 14.82
N SER A 178 -4.83 8.63 13.71
CA SER A 178 -4.63 7.47 12.86
C SER A 178 -3.71 7.71 11.67
N TYR A 179 -3.22 8.93 11.47
CA TYR A 179 -2.55 9.30 10.22
C TYR A 179 -1.28 10.09 10.46
N GLY A 180 -0.35 9.99 9.50
CA GLY A 180 0.56 11.09 9.27
C GLY A 180 -0.22 12.27 8.71
N VAL A 181 0.18 13.48 9.10
CA VAL A 181 -0.55 14.69 8.73
C VAL A 181 0.45 15.74 8.24
N ILE A 182 0.15 16.34 7.10
CA ILE A 182 1.09 17.19 6.41
C ILE A 182 0.87 18.65 6.79
N ASP A 183 1.90 19.44 6.56
CA ASP A 183 1.86 20.88 6.71
C ASP A 183 2.63 21.43 5.53
N GLY A 184 1.98 22.26 4.72
CA GLY A 184 2.67 22.75 3.55
C GLY A 184 1.92 23.88 2.89
N LYS A 185 2.44 24.27 1.73
CA LYS A 185 1.93 25.39 0.97
C LYS A 185 1.29 24.88 -0.31
N ARG A 186 0.11 25.38 -0.63
CA ARG A 186 -0.63 24.94 -1.79
C ARG A 186 0.03 25.46 -3.07
N TRP A 187 0.27 24.56 -4.02
CA TRP A 187 0.75 24.93 -5.35
C TRP A 187 -0.35 24.83 -6.39
N GLU A 188 -1.16 23.79 -6.31
CA GLU A 188 -2.30 23.55 -7.18
C GLU A 188 -3.47 23.15 -6.30
N ASP A 189 -4.63 22.96 -6.93
CA ASP A 189 -5.78 22.43 -6.20
C ASP A 189 -5.47 21.10 -5.53
N ASP A 190 -4.55 20.32 -6.10
CA ASP A 190 -4.25 18.97 -5.62
C ASP A 190 -2.77 18.78 -5.26
N LEU A 191 -2.02 19.86 -5.05
CA LEU A 191 -0.57 19.71 -4.88
C LEU A 191 -0.05 20.69 -3.83
N PHE A 192 0.75 20.17 -2.90
CA PHE A 192 1.33 20.98 -1.83
C PHE A 192 2.83 20.80 -1.83
N LYS A 193 3.55 21.85 -1.46
CA LYS A 193 4.96 21.74 -1.14
C LYS A 193 5.08 21.62 0.38
N LEU A 194 5.66 20.53 0.86
CA LEU A 194 5.66 20.30 2.31
C LEU A 194 6.66 21.20 3.02
N SER A 195 6.23 21.76 4.14
CA SER A 195 7.14 22.35 5.12
C SER A 195 7.19 21.54 6.41
N GLY A 196 6.30 20.57 6.60
CA GLY A 196 6.37 19.70 7.76
C GLY A 196 5.45 18.52 7.59
N ILE A 197 5.69 17.50 8.41
CA ILE A 197 4.84 16.30 8.44
C ILE A 197 5.01 15.65 9.80
N VAL A 198 3.89 15.20 10.38
CA VAL A 198 3.89 14.68 11.74
C VAL A 198 3.07 13.40 11.77
N GLU A 199 3.54 12.40 12.53
CA GLU A 199 2.88 11.11 12.60
C GLU A 199 1.90 11.11 13.76
N LYS A 200 0.63 10.83 13.47
CA LYS A 200 -0.42 10.64 14.46
C LYS A 200 -0.50 11.76 15.52
N PRO A 201 -0.72 13.00 15.11
CA PRO A 201 -0.86 14.08 16.09
C PRO A 201 -2.20 14.03 16.80
N GLU A 202 -2.25 14.62 17.99
CA GLU A 202 -3.53 14.88 18.62
C GLU A 202 -4.33 15.82 17.73
N PRO A 203 -5.66 15.67 17.70
CA PRO A 203 -6.48 16.53 16.83
C PRO A 203 -6.24 18.03 17.00
N ALA A 204 -6.03 18.50 18.23
CA ALA A 204 -5.77 19.92 18.45
C ALA A 204 -4.37 20.32 17.99
N GLN A 205 -3.45 19.36 17.84
CA GLN A 205 -2.10 19.65 17.37
C GLN A 205 -1.90 19.36 15.90
N ALA A 206 -2.90 18.83 15.21
CA ALA A 206 -2.77 18.52 13.79
C ALA A 206 -2.59 19.80 12.99
N PRO A 207 -1.58 19.89 12.11
CA PRO A 207 -1.36 21.14 11.36
C PRO A 207 -2.25 21.31 10.13
N SER A 208 -3.00 20.30 9.71
CA SER A 208 -3.89 20.44 8.57
C SER A 208 -4.95 19.36 8.66
N ASN A 209 -5.89 19.39 7.71
CA ASN A 209 -6.90 18.35 7.54
C ASN A 209 -6.51 17.33 6.47
N PHE A 210 -5.22 17.17 6.18
CA PHE A 210 -4.76 16.33 5.09
C PHE A 210 -3.88 15.22 5.65
N GLY A 211 -4.39 14.00 5.59
CA GLY A 211 -3.72 12.84 6.16
C GLY A 211 -3.02 12.04 5.07
N VAL A 212 -1.92 11.40 5.45
CA VAL A 212 -1.15 10.58 4.52
C VAL A 212 -1.86 9.25 4.29
N VAL A 213 -2.00 8.89 3.02
CA VAL A 213 -2.46 7.56 2.65
C VAL A 213 -1.23 6.77 2.22
N GLY A 214 -1.37 5.47 2.19
CA GLY A 214 -0.23 4.60 1.98
C GLY A 214 0.26 4.47 0.54
N ARG A 215 0.66 5.60 -0.06
CA ARG A 215 1.31 5.64 -1.36
C ARG A 215 2.38 6.71 -1.31
N TYR A 216 3.60 6.35 -1.70
CA TYR A 216 4.74 7.25 -1.72
C TYR A 216 5.54 6.99 -2.99
N VAL A 217 6.10 8.04 -3.59
CA VAL A 217 7.14 7.92 -4.60
C VAL A 217 8.33 8.66 -4.02
N LEU A 218 9.39 7.93 -3.70
CA LEU A 218 10.50 8.46 -2.90
C LEU A 218 11.79 8.43 -3.70
N LYS A 219 12.61 9.50 -3.52
CA LYS A 219 13.97 9.54 -4.01
C LYS A 219 14.90 8.79 -3.05
N PRO A 220 15.96 8.16 -3.57
CA PRO A 220 16.75 7.25 -2.72
C PRO A 220 17.46 7.93 -1.56
N LYS A 221 17.52 9.27 -1.56
CA LYS A 221 18.02 10.02 -0.44
C LYS A 221 17.26 9.70 0.86
N ILE A 222 16.01 9.25 0.76
CA ILE A 222 15.23 8.88 1.95
C ILE A 222 15.96 7.87 2.83
N PHE A 223 16.81 7.02 2.24
CA PHE A 223 17.41 5.94 3.01
C PHE A 223 18.40 6.46 4.05
N LYS A 224 19.19 7.47 3.69
CA LYS A 224 20.05 8.14 4.66
C LYS A 224 19.24 8.68 5.84
N HIS A 225 18.05 9.23 5.56
CA HIS A 225 17.23 9.79 6.61
C HIS A 225 16.51 8.72 7.42
N LEU A 226 16.18 7.58 6.81
CA LEU A 226 15.68 6.45 7.59
C LEU A 226 16.75 5.91 8.54
N ARG A 227 18.00 5.85 8.08
CA ARG A 227 19.07 5.32 8.91
C ARG A 227 19.28 6.17 10.17
N GLY A 228 19.09 7.48 10.06
CA GLY A 228 19.24 8.35 11.21
C GLY A 228 18.05 8.44 12.14
N LEU A 229 17.01 7.63 11.94
CA LEU A 229 15.81 7.75 12.77
C LEU A 229 16.06 7.28 14.20
N LYS A 230 15.36 7.93 15.12
CA LYS A 230 15.16 7.49 16.49
C LYS A 230 13.71 7.06 16.66
N PRO A 231 13.42 6.21 17.65
CA PRO A 231 12.02 5.83 17.91
C PRO A 231 11.10 7.04 18.05
N GLY A 232 10.02 7.05 17.26
CA GLY A 232 9.00 8.08 17.36
C GLY A 232 7.68 7.60 17.95
N ALA A 233 6.57 7.89 17.28
CA ALA A 233 5.26 7.53 17.80
C ALA A 233 5.11 6.02 17.97
N GLY A 234 4.47 5.61 19.05
CA GLY A 234 4.32 4.21 19.37
C GLY A 234 5.61 3.46 19.58
N GLY A 235 6.72 4.17 19.77
CA GLY A 235 8.02 3.54 19.87
C GLY A 235 8.56 3.00 18.56
N GLU A 236 7.90 3.29 17.44
CA GLU A 236 8.29 2.76 16.15
C GLU A 236 9.15 3.75 15.37
N LEU A 237 10.03 3.21 14.54
CA LEU A 237 10.81 3.99 13.59
C LEU A 237 9.90 4.36 12.42
N GLN A 238 9.51 5.64 12.36
CA GLN A 238 8.43 6.08 11.48
C GLN A 238 9.00 6.55 10.16
N LEU A 239 8.47 6.00 9.06
CA LEU A 239 8.75 6.59 7.74
C LEU A 239 8.47 8.09 7.75
N THR A 240 7.40 8.49 8.45
CA THR A 240 6.97 9.88 8.48
C THR A 240 8.08 10.80 8.99
N ASP A 241 8.83 10.35 10.00
CA ASP A 241 9.89 11.19 10.54
C ASP A 241 11.07 11.28 9.59
N ALA A 242 11.31 10.24 8.78
CA ALA A 242 12.36 10.33 7.77
C ALA A 242 11.98 11.31 6.67
N ILE A 243 10.70 11.33 6.29
CA ILE A 243 10.21 12.31 5.32
C ILE A 243 10.39 13.73 5.84
N GLN A 244 9.99 13.96 7.10
CA GLN A 244 10.22 15.25 7.74
C GLN A 244 11.69 15.63 7.68
N SER A 245 12.58 14.71 8.06
CA SER A 245 14.01 14.98 7.98
C SER A 245 14.44 15.27 6.55
N LEU A 246 13.85 14.57 5.58
CA LEU A 246 14.23 14.76 4.18
C LEU A 246 13.82 16.14 3.66
N LEU A 247 12.60 16.60 4.01
CA LEU A 247 12.13 17.89 3.52
C LEU A 247 12.92 19.04 4.11
N THR A 248 13.65 18.78 5.20
CA THR A 248 14.62 19.73 5.71
C THR A 248 15.76 19.96 4.73
N ASP A 249 16.02 19.01 3.84
CA ASP A 249 17.16 19.10 2.93
C ASP A 249 16.79 19.28 1.47
N GLU A 250 15.67 18.71 1.02
CA GLU A 250 15.25 18.90 -0.36
C GLU A 250 13.73 18.94 -0.42
N GLN A 251 13.24 19.29 -1.60
CA GLN A 251 11.80 19.45 -1.83
C GLN A 251 11.06 18.13 -1.73
N VAL A 252 9.92 18.13 -1.02
CA VAL A 252 9.00 17.00 -0.95
C VAL A 252 7.57 17.53 -1.15
N LEU A 253 6.83 16.91 -2.07
CA LEU A 253 5.47 17.34 -2.39
C LEU A 253 4.45 16.35 -1.87
N ALA A 254 3.24 16.85 -1.60
CA ALA A 254 2.11 16.00 -1.25
C ALA A 254 1.04 16.17 -2.32
N TYR A 255 0.47 15.05 -2.76
CA TYR A 255 -0.47 15.05 -3.88
C TYR A 255 -1.84 14.56 -3.42
N ARG A 256 -2.86 15.39 -3.64
CA ARG A 256 -4.25 15.02 -3.33
C ARG A 256 -4.80 14.23 -4.51
N TYR A 257 -4.75 12.90 -4.40
CA TYR A 257 -5.09 12.03 -5.51
C TYR A 257 -6.57 12.08 -5.84
N ASP A 258 -6.89 11.79 -7.09
CA ASP A 258 -8.26 11.60 -7.55
C ASP A 258 -8.63 10.13 -7.34
N GLY A 259 -9.47 9.85 -6.34
CA GLY A 259 -9.94 8.49 -6.15
C GLY A 259 -10.60 8.31 -4.78
N THR A 260 -10.77 7.05 -4.40
CA THR A 260 -11.47 6.65 -3.18
C THR A 260 -10.66 5.62 -2.42
N ARG A 261 -10.87 5.56 -1.11
CA ARG A 261 -10.01 4.81 -0.20
C ARG A 261 -10.84 4.01 0.79
N PHE A 262 -10.46 2.76 1.02
CA PHE A 262 -10.95 2.00 2.17
C PHE A 262 -9.77 1.74 3.09
N ASP A 263 -9.90 2.11 4.37
CA ASP A 263 -8.82 1.81 5.30
C ASP A 263 -9.01 0.38 5.80
N CYS A 264 -8.50 -0.58 5.04
CA CYS A 264 -8.60 -1.97 5.44
C CYS A 264 -7.59 -2.35 6.52
N GLY A 265 -6.82 -1.40 7.03
CA GLY A 265 -6.11 -1.61 8.28
C GLY A 265 -7.00 -1.60 9.51
N SER A 266 -8.29 -1.33 9.36
CA SER A 266 -9.26 -1.42 10.44
C SER A 266 -10.39 -2.34 10.02
N LYS A 267 -11.00 -3.02 11.01
CA LYS A 267 -12.11 -3.90 10.67
C LYS A 267 -13.23 -3.14 9.98
N LEU A 268 -13.53 -1.93 10.45
CA LEU A 268 -14.63 -1.18 9.85
C LEU A 268 -14.37 -0.94 8.37
N GLY A 269 -13.18 -0.41 8.04
CA GLY A 269 -12.85 -0.18 6.64
C GLY A 269 -12.83 -1.47 5.83
N TYR A 270 -12.27 -2.54 6.40
CA TYR A 270 -12.30 -3.84 5.73
C TYR A 270 -13.74 -4.27 5.42
N LEU A 271 -14.64 -4.08 6.39
CA LEU A 271 -16.05 -4.39 6.16
C LEU A 271 -16.63 -3.56 5.03
N LYS A 272 -16.31 -2.26 5.00
CA LYS A 272 -16.82 -1.39 3.94
C LYS A 272 -16.31 -1.86 2.58
N ALA A 273 -15.02 -2.19 2.49
CA ALA A 273 -14.48 -2.66 1.21
C ALA A 273 -15.21 -3.90 0.73
N THR A 274 -15.48 -4.85 1.63
CA THR A 274 -16.20 -6.07 1.28
C THR A 274 -17.58 -5.74 0.69
N VAL A 275 -18.31 -4.84 1.35
CA VAL A 275 -19.63 -4.43 0.85
C VAL A 275 -19.50 -3.81 -0.53
N GLU A 276 -18.49 -2.93 -0.71
CA GLU A 276 -18.32 -2.26 -2.00
C GLU A 276 -18.01 -3.25 -3.11
N PHE A 277 -17.11 -4.20 -2.87
CA PHE A 277 -16.85 -5.04 -4.02
CA PHE A 277 -16.76 -5.26 -3.85
C PHE A 277 -17.99 -6.04 -4.26
N ALA A 278 -18.83 -6.35 -3.28
CA ALA A 278 -20.01 -7.17 -3.52
C ALA A 278 -20.94 -6.52 -4.55
N LEU A 279 -21.22 -5.23 -4.36
CA LEU A 279 -22.12 -4.52 -5.27
C LEU A 279 -21.52 -4.36 -6.67
N ARG A 280 -20.21 -4.50 -6.82
CA ARG A 280 -19.55 -4.35 -8.11
C ARG A 280 -19.55 -5.62 -8.95
N HIS A 281 -19.92 -6.77 -8.38
CA HIS A 281 -19.82 -8.02 -9.10
C HIS A 281 -21.20 -8.56 -9.43
N PRO A 282 -21.53 -8.69 -10.72
CA PRO A 282 -22.90 -9.07 -11.09
C PRO A 282 -23.25 -10.50 -10.70
N GLU A 283 -22.24 -11.32 -10.39
CA GLU A 283 -22.48 -12.67 -9.90
C GLU A 283 -23.30 -12.66 -8.62
N VAL A 284 -23.09 -11.68 -7.75
CA VAL A 284 -23.71 -11.66 -6.43
C VAL A 284 -24.44 -10.35 -6.13
N ALA A 285 -24.28 -9.34 -6.99
CA ALA A 285 -24.71 -7.99 -6.65
C ALA A 285 -26.21 -7.93 -6.35
N ALA A 286 -27.04 -8.35 -7.31
CA ALA A 286 -28.48 -8.29 -7.12
C ALA A 286 -28.92 -9.07 -5.88
N ASP A 287 -28.45 -10.32 -5.74
CA ASP A 287 -28.82 -11.11 -4.57
C ASP A 287 -28.37 -10.44 -3.28
N PHE A 288 -27.16 -9.86 -3.29
CA PHE A 288 -26.64 -9.25 -2.07
C PHE A 288 -27.44 -8.01 -1.70
N GLU A 289 -27.82 -7.21 -2.71
CA GLU A 289 -28.76 -6.12 -2.52
C GLU A 289 -29.99 -6.56 -1.76
N ARG A 290 -30.69 -7.56 -2.31
CA ARG A 290 -31.92 -8.03 -1.69
C ARG A 290 -31.70 -8.47 -0.25
N TYR A 291 -30.61 -9.20 0.01
CA TYR A 291 -30.34 -9.67 1.37
C TYR A 291 -30.17 -8.50 2.32
N LEU A 292 -29.41 -7.48 1.92
CA LEU A 292 -29.18 -6.32 2.78
C LEU A 292 -30.50 -5.65 3.16
N LEU A 293 -31.41 -5.49 2.20
CA LEU A 293 -32.67 -4.81 2.47
C LEU A 293 -33.53 -5.61 3.44
N ALA A 294 -33.70 -6.90 3.17
CA ALA A 294 -34.46 -7.75 4.09
C ALA A 294 -33.74 -7.91 5.43
N ARG A 295 -32.41 -7.88 5.41
CA ARG A 295 -31.66 -8.05 6.65
C ARG A 295 -31.74 -6.80 7.53
N MET A 296 -31.69 -5.62 6.92
CA MET A 296 -31.76 -4.39 7.70
C MET A 296 -33.14 -4.19 8.31
N SER A 297 -34.18 -4.54 7.56
CA SER A 297 -35.56 -4.39 8.05
C SER A 297 -35.88 -5.45 9.10
#